data_5AKO
#
_entry.id   5AKO
#
_cell.length_a   37.725
_cell.length_b   103.138
_cell.length_c   114.642
_cell.angle_alpha   90.00
_cell.angle_beta   90.00
_cell.angle_gamma   90.00
#
_symmetry.space_group_name_H-M   'P 21 21 21'
#
loop_
_entity.id
_entity.type
_entity.pdbx_description
1 polymer TSI2
2 polymer TSE2
3 water water
#
loop_
_entity_poly.entity_id
_entity_poly.type
_entity_poly.pdbx_seq_one_letter_code
_entity_poly.pdbx_strand_id
1 'polypeptide(L)' MNLKPQTLMVAIQCVAARTRELDAQLQNDDPQNAAELEQLLVGYDLAADDLKNAYEQALGQYSGLPPYDRLIEEPAS A,B
2 'polypeptide(L)'
;MGSSHHHHHHSSGLVPRGSHMMSYDYEKTSLTLYRAVFKANYDGDVGRYLHPDKELAEAAEVAPLLHPTFDSPNTPGVPA
RAPDIVAGRDGLYAPDTGGTSVFDRAGVLRRADGDFVIPDGTDIPPDLKVKQDSYNKRLQATHYTIMPAKPMYREVLMGQ
LDNFVRNAIRRQWEKARGL
;
C,D
#
# COMPACT_ATOMS: atom_id res chain seq x y z
N ASN A 2 5.08 -12.58 -2.23
CA ASN A 2 3.72 -11.98 -2.45
C ASN A 2 3.10 -11.34 -1.16
N LEU A 3 2.52 -10.16 -1.29
CA LEU A 3 1.77 -9.55 -0.21
C LEU A 3 0.54 -10.36 0.14
N LYS A 4 0.19 -10.37 1.41
CA LYS A 4 -1.08 -10.87 1.82
C LYS A 4 -2.17 -9.96 1.28
N PRO A 5 -3.33 -10.52 1.04
CA PRO A 5 -4.40 -9.73 0.52
C PRO A 5 -4.91 -8.68 1.50
N GLN A 6 -4.89 -8.98 2.79
CA GLN A 6 -5.17 -7.98 3.85
C GLN A 6 -4.23 -6.77 3.74
N THR A 7 -3.01 -6.98 3.30
CA THR A 7 -2.05 -5.88 3.14
C THR A 7 -2.51 -5.03 2.00
N LEU A 8 -2.92 -5.64 0.88
CA LEU A 8 -3.42 -4.82 -0.23
C LEU A 8 -4.66 -4.01 0.19
N MET A 9 -5.53 -4.58 1.00
CA MET A 9 -6.73 -3.85 1.39
C MET A 9 -6.31 -2.62 2.12
N VAL A 10 -5.43 -2.77 3.10
CA VAL A 10 -5.02 -1.65 3.94
C VAL A 10 -4.34 -0.54 3.12
N ALA A 11 -3.49 -0.95 2.21
CA ALA A 11 -2.75 0.00 1.40
C ALA A 11 -3.66 0.79 0.48
N ILE A 12 -4.66 0.11 -0.09
CA ILE A 12 -5.72 0.76 -0.88
C ILE A 12 -6.47 1.79 -0.07
N GLN A 13 -6.95 1.39 1.11
CA GLN A 13 -7.68 2.31 1.98
C GLN A 13 -6.87 3.52 2.36
N CYS A 14 -5.62 3.32 2.84
CA CYS A 14 -4.75 4.41 3.25
C CYS A 14 -4.35 5.32 2.10
N VAL A 15 -4.06 4.76 0.93
CA VAL A 15 -3.81 5.59 -0.22
C VAL A 15 -5.02 6.46 -0.58
N ALA A 16 -6.21 5.86 -0.59
CA ALA A 16 -7.41 6.58 -0.93
C ALA A 16 -7.59 7.72 0.05
N ALA A 17 -7.42 7.43 1.33
CA ALA A 17 -7.69 8.40 2.36
C ALA A 17 -6.66 9.57 2.35
N ARG A 18 -5.40 9.28 2.12
CA ARG A 18 -4.41 10.35 2.05
C ARG A 18 -4.61 11.19 0.82
N THR A 19 -5.13 10.56 -0.23
CA THR A 19 -5.35 11.25 -1.47
C THR A 19 -6.49 12.23 -1.30
N ARG A 20 -7.57 11.82 -0.65
CA ARG A 20 -8.66 12.75 -0.34
C ARG A 20 -8.19 13.90 0.56
N GLU A 21 -7.52 13.60 1.66
CA GLU A 21 -7.21 14.63 2.65
C GLU A 21 -6.37 15.74 2.02
N LEU A 22 -5.59 15.35 1.06
CA LEU A 22 -4.54 16.14 0.59
C LEU A 22 -4.93 16.82 -0.72
N ASP A 23 -5.82 16.18 -1.49
CA ASP A 23 -6.56 16.87 -2.50
C ASP A 23 -7.40 17.99 -1.86
N ALA A 24 -8.05 17.73 -0.71
CA ALA A 24 -8.85 18.79 -0.08
C ALA A 24 -8.00 19.99 0.35
N GLN A 25 -6.82 19.73 0.93
CA GLN A 25 -5.90 20.80 1.26
C GLN A 25 -5.50 21.56 0.00
N LEU A 26 -5.24 20.83 -1.04
CA LEU A 26 -4.69 21.41 -2.22
C LEU A 26 -5.66 22.45 -2.71
N GLN A 27 -6.95 22.13 -2.64
CA GLN A 27 -8.00 22.99 -3.18
C GLN A 27 -8.56 24.05 -2.18
N ASN A 28 -8.53 23.78 -0.88
CA ASN A 28 -9.08 24.72 0.12
C ASN A 28 -8.04 25.59 0.80
N ASP A 29 -6.85 25.06 1.05
CA ASP A 29 -5.87 25.71 1.88
C ASP A 29 -4.88 26.38 0.90
N ASP A 30 -3.79 26.96 1.40
CA ASP A 30 -2.65 27.33 0.53
C ASP A 30 -1.44 26.60 1.10
N PRO A 31 -1.27 25.32 0.72
CA PRO A 31 -0.18 24.53 1.29
C PRO A 31 1.18 24.96 0.69
N GLN A 32 2.25 24.80 1.47
CA GLN A 32 3.51 25.51 1.23
C GLN A 32 4.17 25.17 -0.10
N ASN A 33 3.90 23.99 -0.65
CA ASN A 33 4.39 23.63 -1.98
C ASN A 33 3.32 22.98 -2.89
N ALA A 34 2.29 23.76 -3.20
CA ALA A 34 1.14 23.27 -3.93
C ALA A 34 1.53 22.51 -5.20
N ALA A 35 2.48 23.05 -5.98
CA ALA A 35 2.81 22.47 -7.25
C ALA A 35 3.49 21.09 -7.08
N GLU A 36 4.35 20.95 -6.09
CA GLU A 36 4.91 19.63 -5.77
C GLU A 36 3.83 18.64 -5.29
N LEU A 37 2.86 19.16 -4.55
CA LEU A 37 1.83 18.32 -3.99
C LEU A 37 0.88 17.77 -5.07
N GLU A 38 0.58 18.61 -6.05
CA GLU A 38 -0.24 18.21 -7.18
C GLU A 38 0.37 17.06 -8.02
N GLN A 39 1.67 17.13 -8.24
CA GLN A 39 2.43 16.05 -8.85
C GLN A 39 2.48 14.81 -7.95
N LEU A 40 2.72 15.00 -6.68
CA LEU A 40 2.71 13.88 -5.77
C LEU A 40 1.37 13.12 -5.92
N LEU A 41 0.24 13.83 -6.04
CA LEU A 41 -1.05 13.16 -6.12
C LEU A 41 -1.26 12.39 -7.40
N VAL A 42 -0.62 12.83 -8.50
CA VAL A 42 -0.60 12.06 -9.74
C VAL A 42 0.12 10.72 -9.46
N GLY A 43 1.21 10.78 -8.68
CA GLY A 43 1.93 9.56 -8.30
C GLY A 43 1.10 8.67 -7.40
N TYR A 44 0.36 9.25 -6.46
CA TYR A 44 -0.49 8.47 -5.60
C TYR A 44 -1.55 7.73 -6.43
N ASP A 45 -2.15 8.41 -7.40
CA ASP A 45 -3.19 7.78 -8.26
C ASP A 45 -2.67 6.65 -9.12
N LEU A 46 -1.48 6.82 -9.69
CA LEU A 46 -0.83 5.70 -10.37
C LEU A 46 -0.60 4.49 -9.43
N ALA A 47 -0.17 4.75 -8.23
CA ALA A 47 0.01 3.68 -7.26
C ALA A 47 -1.33 3.05 -6.92
N ALA A 48 -2.35 3.89 -6.76
CA ALA A 48 -3.72 3.40 -6.48
C ALA A 48 -4.19 2.39 -7.55
N ASP A 49 -3.89 2.70 -8.80
CA ASP A 49 -4.29 1.88 -9.94
C ASP A 49 -3.54 0.53 -9.95
N ASP A 50 -2.25 0.60 -9.65
CA ASP A 50 -1.42 -0.59 -9.53
C ASP A 50 -1.92 -1.45 -8.37
N LEU A 51 -2.30 -0.85 -7.25
CA LEU A 51 -2.88 -1.65 -6.16
C LEU A 51 -4.20 -2.30 -6.53
N LYS A 52 -5.00 -1.57 -7.29
CA LYS A 52 -6.26 -2.08 -7.80
C LYS A 52 -6.09 -3.28 -8.74
N ASN A 53 -5.12 -3.26 -9.66
CA ASN A 53 -4.92 -4.42 -10.54
C ASN A 53 -4.53 -5.63 -9.72
N ALA A 54 -3.74 -5.39 -8.68
CA ALA A 54 -3.26 -6.51 -7.83
C ALA A 54 -4.42 -7.07 -7.06
N TYR A 55 -5.29 -6.20 -6.56
CA TYR A 55 -6.41 -6.64 -5.77
C TYR A 55 -7.41 -7.41 -6.64
N GLU A 56 -7.60 -6.99 -7.90
CA GLU A 56 -8.49 -7.75 -8.78
C GLU A 56 -8.00 -9.22 -8.94
N GLN A 57 -6.70 -9.38 -8.98
CA GLN A 57 -6.07 -10.65 -8.97
C GLN A 57 -6.34 -11.39 -7.71
N ALA A 58 -6.16 -10.74 -6.60
CA ALA A 58 -6.34 -11.42 -5.31
C ALA A 58 -7.77 -11.86 -5.16
N LEU A 59 -8.72 -11.09 -5.69
CA LEU A 59 -10.15 -11.47 -5.72
C LEU A 59 -10.42 -12.78 -6.48
N GLY A 60 -9.62 -13.10 -7.49
CA GLY A 60 -9.65 -14.40 -8.13
C GLY A 60 -8.97 -15.55 -7.37
N GLN A 61 -8.21 -15.27 -6.31
CA GLN A 61 -7.49 -16.33 -5.59
C GLN A 61 -7.92 -16.60 -4.14
N TYR A 62 -8.58 -15.65 -3.52
CA TYR A 62 -8.99 -15.77 -2.11
C TYR A 62 -10.49 -15.58 -2.02
N SER A 63 -11.10 -16.10 -0.96
CA SER A 63 -12.57 -15.88 -0.78
C SER A 63 -12.78 -15.07 0.43
N GLY A 64 -13.94 -14.44 0.51
CA GLY A 64 -14.26 -13.57 1.64
C GLY A 64 -13.66 -12.17 1.65
N LEU A 65 -13.10 -11.72 0.53
CA LEU A 65 -12.58 -10.36 0.46
C LEU A 65 -13.64 -9.37 0.01
N PRO A 66 -13.59 -8.17 0.56
CA PRO A 66 -14.58 -7.18 0.18
C PRO A 66 -14.31 -6.63 -1.24
N PRO A 67 -15.36 -6.19 -1.94
CA PRO A 67 -15.12 -5.76 -3.32
C PRO A 67 -14.40 -4.43 -3.31
N TYR A 68 -13.61 -4.21 -4.35
CA TYR A 68 -12.79 -3.06 -4.45
C TYR A 68 -13.54 -1.76 -4.18
N ASP A 69 -14.74 -1.63 -4.71
CA ASP A 69 -15.44 -0.34 -4.66
C ASP A 69 -15.90 -0.03 -3.22
N ARG A 70 -16.11 -1.05 -2.41
CA ARG A 70 -16.34 -0.79 -0.98
C ARG A 70 -15.13 -0.19 -0.25
N LEU A 71 -13.92 -0.61 -0.61
CA LEU A 71 -12.68 -0.20 0.07
C LEU A 71 -12.36 1.25 -0.11
N ILE A 72 -12.65 1.80 -1.29
CA ILE A 72 -12.36 3.18 -1.56
C ILE A 72 -13.55 4.07 -1.33
N GLU A 73 -14.63 3.55 -0.78
CA GLU A 73 -15.79 4.39 -0.45
C GLU A 73 -15.40 5.52 0.49
N GLU A 74 -15.83 6.74 0.14
CA GLU A 74 -15.84 7.89 1.04
C GLU A 74 -16.72 7.49 2.25
N PRO A 75 -16.15 7.41 3.47
CA PRO A 75 -16.99 7.04 4.63
C PRO A 75 -17.87 8.19 5.14
N MET B 1 0.46 -10.21 -8.26
CA MET B 1 1.56 -9.63 -9.11
C MET B 1 2.48 -8.85 -8.24
N ASN B 2 3.72 -8.72 -8.64
CA ASN B 2 4.57 -7.70 -8.04
C ASN B 2 3.99 -6.32 -8.40
N LEU B 3 3.75 -5.57 -7.37
CA LEU B 3 3.60 -4.16 -7.50
C LEU B 3 4.93 -3.55 -7.94
N LYS B 4 4.87 -2.46 -8.70
CA LYS B 4 6.01 -1.67 -9.01
C LYS B 4 6.57 -1.05 -7.77
N PRO B 5 7.87 -0.72 -7.78
CA PRO B 5 8.48 -0.34 -6.53
C PRO B 5 8.05 1.04 -6.09
N GLN B 6 7.77 1.93 -7.02
CA GLN B 6 7.11 3.20 -6.68
C GLN B 6 5.78 3.00 -5.99
N THR B 7 5.01 1.96 -6.36
CA THR B 7 3.74 1.70 -5.73
C THR B 7 4.02 1.33 -4.30
N LEU B 8 5.03 0.49 -4.05
CA LEU B 8 5.35 0.12 -2.64
C LEU B 8 5.77 1.34 -1.86
N MET B 9 6.48 2.28 -2.49
CA MET B 9 6.95 3.41 -1.73
C MET B 9 5.74 4.15 -1.26
N VAL B 10 4.81 4.40 -2.17
CA VAL B 10 3.62 5.21 -1.85
C VAL B 10 2.81 4.59 -0.77
N ALA B 11 2.62 3.29 -0.88
CA ALA B 11 1.76 2.57 0.08
C ALA B 11 2.38 2.61 1.47
N ILE B 12 3.70 2.44 1.55
CA ILE B 12 4.41 2.53 2.81
C ILE B 12 4.24 3.89 3.43
N GLN B 13 4.44 4.94 2.63
CA GLN B 13 4.26 6.31 3.14
C GLN B 13 2.87 6.59 3.61
N CYS B 14 1.86 6.24 2.80
CA CYS B 14 0.45 6.44 3.20
C CYS B 14 0.05 5.63 4.42
N VAL B 15 0.48 4.38 4.51
CA VAL B 15 0.17 3.60 5.67
C VAL B 15 0.79 4.24 6.92
N ALA B 16 2.05 4.63 6.81
CA ALA B 16 2.73 5.25 7.96
C ALA B 16 1.93 6.48 8.37
N ALA B 17 1.56 7.30 7.40
CA ALA B 17 0.93 8.60 7.69
C ALA B 17 -0.49 8.46 8.26
N ARG B 18 -1.29 7.53 7.74
CA ARG B 18 -2.60 7.29 8.34
C ARG B 18 -2.49 6.67 9.72
N THR B 19 -1.42 5.93 9.95
CA THR B 19 -1.21 5.31 11.25
C THR B 19 -0.86 6.35 12.28
N ARG B 20 0.01 7.30 11.93
CA ARG B 20 0.29 8.42 12.83
C ARG B 20 -0.95 9.24 13.10
N GLU B 21 -1.68 9.58 12.05
CA GLU B 21 -2.86 10.42 12.18
C GLU B 21 -3.92 9.76 13.04
N LEU B 22 -4.14 8.47 12.88
CA LEU B 22 -5.22 7.82 13.63
C LEU B 22 -4.74 7.51 15.02
N ASP B 23 -3.44 7.25 15.21
CA ASP B 23 -2.88 7.07 16.57
C ASP B 23 -2.98 8.37 17.36
N ALA B 24 -2.66 9.50 16.74
CA ALA B 24 -2.82 10.81 17.39
C ALA B 24 -4.30 11.12 17.77
N GLN B 25 -5.25 10.84 16.87
CA GLN B 25 -6.68 10.93 17.20
C GLN B 25 -7.04 10.04 18.38
N LEU B 26 -6.52 8.82 18.35
CA LEU B 26 -6.90 7.83 19.33
C LEU B 26 -6.55 8.37 20.70
N GLN B 27 -5.38 8.99 20.80
CA GLN B 27 -4.89 9.57 22.05
C GLN B 27 -5.33 11.03 22.41
N ASN B 28 -5.61 11.90 21.43
CA ASN B 28 -5.93 13.33 21.69
C ASN B 28 -7.38 13.80 21.51
N ASP B 29 -8.17 13.07 20.70
CA ASP B 29 -9.55 13.45 20.35
C ASP B 29 -10.70 12.56 20.88
N ASP B 30 -10.39 11.55 21.69
CA ASP B 30 -11.43 10.74 22.31
C ASP B 30 -12.53 10.42 21.27
N PRO B 31 -12.16 9.60 20.26
CA PRO B 31 -13.06 9.27 19.15
C PRO B 31 -14.11 8.24 19.55
N GLN B 32 -15.16 8.17 18.75
CA GLN B 32 -16.37 7.45 19.10
C GLN B 32 -16.20 5.92 19.18
N ASN B 33 -15.38 5.31 18.33
CA ASN B 33 -15.21 3.86 18.43
C ASN B 33 -13.77 3.51 18.72
N ALA B 34 -13.27 4.06 19.82
CA ALA B 34 -11.88 3.96 20.11
C ALA B 34 -11.36 2.51 20.05
N ALA B 35 -12.13 1.58 20.60
CA ALA B 35 -11.67 0.24 20.74
C ALA B 35 -11.51 -0.42 19.40
N GLU B 36 -12.42 -0.15 18.48
CA GLU B 36 -12.36 -0.71 17.13
C GLU B 36 -11.16 -0.09 16.36
N LEU B 37 -10.87 1.16 16.65
CA LEU B 37 -9.82 1.85 15.98
C LEU B 37 -8.44 1.32 16.41
N GLU B 38 -8.29 1.07 17.69
CA GLU B 38 -7.10 0.49 18.24
C GLU B 38 -6.74 -0.86 17.60
N GLN B 39 -7.74 -1.70 17.40
CA GLN B 39 -7.56 -2.98 16.68
C GLN B 39 -7.28 -2.79 15.20
N LEU B 40 -7.95 -1.84 14.57
CA LEU B 40 -7.67 -1.48 13.20
C LEU B 40 -6.15 -1.14 13.07
N LEU B 41 -5.59 -0.39 14.04
CA LEU B 41 -4.20 0.03 13.94
C LEU B 41 -3.21 -1.13 14.10
N VAL B 42 -3.61 -2.17 14.82
CA VAL B 42 -2.82 -3.37 14.82
C VAL B 42 -2.78 -3.94 13.40
N GLY B 43 -3.93 -3.91 12.71
CA GLY B 43 -4.02 -4.46 11.35
C GLY B 43 -3.18 -3.60 10.42
N TYR B 44 -3.18 -2.29 10.63
CA TYR B 44 -2.32 -1.39 9.82
C TYR B 44 -0.84 -1.70 9.98
N ASP B 45 -0.41 -1.93 11.23
CA ASP B 45 0.98 -2.30 11.52
C ASP B 45 1.43 -3.61 10.91
N LEU B 46 0.57 -4.61 10.94
CA LEU B 46 0.87 -5.86 10.25
C LEU B 46 1.02 -5.66 8.75
N ALA B 47 0.14 -4.86 8.15
CA ALA B 47 0.28 -4.55 6.76
C ALA B 47 1.60 -3.79 6.49
N ALA B 48 1.92 -2.83 7.37
CA ALA B 48 3.15 -2.08 7.25
C ALA B 48 4.36 -3.01 7.16
N ASP B 49 4.39 -4.03 8.03
CA ASP B 49 5.47 -5.02 8.09
C ASP B 49 5.61 -5.86 6.82
N ASP B 50 4.49 -6.27 6.27
CA ASP B 50 4.42 -7.00 5.01
C ASP B 50 4.94 -6.06 3.90
N LEU B 51 4.54 -4.81 3.91
CA LEU B 51 5.05 -3.88 2.87
C LEU B 51 6.58 -3.71 3.00
N LYS B 52 7.05 -3.67 4.24
CA LYS B 52 8.48 -3.55 4.51
C LYS B 52 9.34 -4.71 4.05
N ASN B 53 8.89 -5.94 4.27
CA ASN B 53 9.61 -7.09 3.72
C ASN B 53 9.62 -7.01 2.20
N ALA B 54 8.50 -6.60 1.57
CA ALA B 54 8.45 -6.53 0.09
C ALA B 54 9.40 -5.46 -0.43
N TYR B 55 9.46 -4.36 0.25
CA TYR B 55 10.37 -3.27 -0.14
C TYR B 55 11.87 -3.64 0.07
N GLU B 56 12.19 -4.38 1.12
CA GLU B 56 13.56 -4.94 1.26
C GLU B 56 13.94 -5.79 0.02
N GLN B 57 13.01 -6.58 -0.46
CA GLN B 57 13.20 -7.37 -1.67
C GLN B 57 13.40 -6.45 -2.89
N ALA B 58 12.58 -5.42 -3.01
CA ALA B 58 12.72 -4.51 -4.15
C ALA B 58 14.06 -3.80 -4.12
N LEU B 59 14.55 -3.48 -2.93
CA LEU B 59 15.87 -2.88 -2.78
C LEU B 59 16.99 -3.73 -3.38
N GLY B 60 16.84 -5.04 -3.39
CA GLY B 60 17.82 -5.90 -4.05
C GLY B 60 17.68 -5.99 -5.57
N GLN B 61 16.57 -5.51 -6.14
CA GLN B 61 16.35 -5.66 -7.59
C GLN B 61 16.42 -4.37 -8.37
N TYR B 62 16.33 -3.24 -7.70
CA TYR B 62 16.26 -1.98 -8.41
C TYR B 62 17.31 -1.10 -7.86
N SER B 63 17.71 -0.10 -8.62
CA SER B 63 18.66 0.89 -8.10
C SER B 63 18.01 2.24 -8.04
N GLY B 64 18.57 3.11 -7.22
CA GLY B 64 18.01 4.45 -7.00
C GLY B 64 16.84 4.61 -6.04
N LEU B 65 16.50 3.55 -5.30
CA LEU B 65 15.39 3.66 -4.38
C LEU B 65 15.85 4.19 -3.04
N PRO B 66 15.02 5.03 -2.42
CA PRO B 66 15.32 5.47 -1.10
C PRO B 66 15.29 4.33 -0.05
N PRO B 67 16.16 4.42 0.98
CA PRO B 67 16.10 3.40 2.01
C PRO B 67 14.81 3.46 2.79
N TYR B 68 14.37 2.30 3.24
CA TYR B 68 13.14 2.16 3.93
C TYR B 68 12.97 3.15 5.03
N ASP B 69 14.03 3.36 5.82
CA ASP B 69 13.88 4.15 7.03
C ASP B 69 13.62 5.61 6.68
N ARG B 70 14.10 6.07 5.55
CA ARG B 70 13.72 7.41 5.10
C ARG B 70 12.23 7.59 4.76
N LEU B 71 11.60 6.54 4.22
CA LEU B 71 10.19 6.57 3.80
C LEU B 71 9.21 6.74 4.90
N ILE B 72 9.48 6.10 6.03
CA ILE B 72 8.59 6.20 7.17
C ILE B 72 9.03 7.27 8.17
N GLU B 73 10.04 8.07 7.84
CA GLU B 73 10.41 9.17 8.73
C GLU B 73 9.22 10.12 8.92
N GLU B 74 8.99 10.54 10.16
CA GLU B 74 8.08 11.68 10.47
C GLU B 74 8.58 12.94 9.74
N PRO B 75 7.74 13.58 8.90
CA PRO B 75 8.15 14.80 8.19
C PRO B 75 8.25 16.05 9.07
N SER C 23 10.96 -17.00 12.53
CA SER C 23 10.83 -18.15 13.43
C SER C 23 9.37 -18.54 13.66
N TYR C 24 9.12 -19.84 13.65
CA TYR C 24 7.85 -20.43 14.07
C TYR C 24 7.98 -21.45 15.20
N ASP C 25 7.06 -21.46 16.17
CA ASP C 25 7.07 -22.51 17.21
C ASP C 25 6.05 -23.56 16.84
N TYR C 26 6.39 -24.82 17.05
CA TYR C 26 5.54 -25.92 16.70
C TYR C 26 5.06 -26.80 17.82
N GLU C 27 5.80 -26.90 18.92
CA GLU C 27 5.38 -27.91 19.92
C GLU C 27 4.86 -27.27 21.21
N LYS C 28 5.70 -26.43 21.78
CA LYS C 28 5.45 -25.74 23.02
C LYS C 28 5.85 -24.32 22.79
N THR C 29 5.10 -23.40 23.37
CA THR C 29 5.50 -22.01 23.35
C THR C 29 6.69 -21.78 24.27
N SER C 30 7.55 -20.85 23.90
CA SER C 30 8.79 -20.66 24.60
C SER C 30 8.75 -19.37 25.37
N LEU C 31 7.61 -18.74 25.37
CA LEU C 31 7.46 -17.39 25.82
C LEU C 31 6.03 -17.23 26.24
N THR C 32 5.78 -16.36 27.21
CA THR C 32 4.42 -16.00 27.59
C THR C 32 3.87 -14.97 26.61
N LEU C 33 2.68 -15.27 26.08
CA LEU C 33 1.97 -14.45 25.10
C LEU C 33 0.57 -14.07 25.64
N TYR C 34 0.09 -12.91 25.24
CA TYR C 34 -1.11 -12.32 25.77
C TYR C 34 -2.05 -11.94 24.64
N ARG C 35 -3.33 -12.28 24.79
CA ARG C 35 -4.37 -12.02 23.79
C ARG C 35 -5.34 -11.02 24.38
N ALA C 36 -5.47 -9.86 23.76
CA ALA C 36 -6.42 -8.85 24.23
C ALA C 36 -7.87 -9.40 24.11
N VAL C 37 -8.67 -9.09 25.14
CA VAL C 37 -10.02 -9.55 25.28
C VAL C 37 -10.93 -8.34 25.39
N PHE C 38 -11.77 -8.16 24.38
CA PHE C 38 -12.78 -7.12 24.38
C PHE C 38 -14.10 -7.81 24.67
N LYS C 39 -14.60 -7.66 25.89
CA LYS C 39 -15.76 -8.43 26.35
C LYS C 39 -16.96 -8.26 25.43
N ALA C 40 -17.04 -7.10 24.79
CA ALA C 40 -18.11 -6.78 23.86
C ALA C 40 -18.18 -7.71 22.64
N ASN C 41 -17.04 -8.30 22.28
CA ASN C 41 -16.95 -9.20 21.12
C ASN C 41 -17.57 -10.59 21.35
N TYR C 42 -17.92 -10.93 22.58
CA TYR C 42 -18.38 -12.29 22.91
C TYR C 42 -19.87 -12.33 23.27
N ASP C 43 -20.51 -13.48 22.99
CA ASP C 43 -21.94 -13.69 23.27
C ASP C 43 -22.09 -14.52 24.56
N GLY C 44 -21.82 -13.87 25.68
CA GLY C 44 -21.66 -14.53 27.00
C GLY C 44 -20.55 -13.83 27.77
N ASP C 45 -20.39 -14.13 29.05
CA ASP C 45 -19.36 -13.48 29.87
C ASP C 45 -18.02 -14.22 29.82
N VAL C 46 -16.95 -13.50 29.50
CA VAL C 46 -15.61 -14.06 29.37
C VAL C 46 -14.64 -13.61 30.47
N GLY C 47 -15.14 -12.81 31.41
CA GLY C 47 -14.36 -12.43 32.59
C GLY C 47 -13.77 -13.63 33.29
N ARG C 48 -14.46 -14.77 33.20
CA ARG C 48 -14.03 -16.05 33.82
C ARG C 48 -12.66 -16.45 33.31
N TYR C 49 -12.37 -16.09 32.07
CA TYR C 49 -11.11 -16.46 31.42
C TYR C 49 -9.88 -15.63 31.77
N LEU C 50 -10.07 -14.46 32.40
CA LEU C 50 -8.93 -13.61 32.81
C LEU C 50 -8.12 -14.19 33.97
N HIS C 51 -8.80 -14.84 34.92
CA HIS C 51 -8.13 -15.60 35.98
C HIS C 51 -8.92 -16.88 36.14
N PRO C 52 -8.71 -17.82 35.21
CA PRO C 52 -9.55 -18.99 35.05
C PRO C 52 -9.30 -20.10 36.05
N ASP C 53 -10.34 -20.92 36.25
CA ASP C 53 -10.31 -22.05 37.19
C ASP C 53 -10.06 -23.42 36.52
N LYS C 54 -11.14 -24.09 36.08
CA LYS C 54 -11.16 -25.47 35.56
C LYS C 54 -12.00 -25.49 34.27
N GLU C 55 -11.83 -24.39 33.54
CA GLU C 55 -12.62 -24.12 32.37
C GLU C 55 -12.05 -24.86 31.16
N LEU C 56 -11.31 -25.95 31.42
CA LEU C 56 -11.14 -27.04 30.42
C LEU C 56 -12.02 -28.24 30.75
N ALA C 57 -13.32 -28.06 30.55
CA ALA C 57 -14.26 -29.14 30.48
C ALA C 57 -15.26 -28.89 29.34
N GLU C 61 -17.67 -26.90 26.10
CA GLU C 61 -17.79 -25.54 25.53
C GLU C 61 -16.76 -24.53 26.07
N VAL C 62 -16.14 -23.79 25.14
CA VAL C 62 -15.20 -22.70 25.52
C VAL C 62 -15.30 -21.49 24.63
N ALA C 63 -15.11 -20.33 25.23
CA ALA C 63 -15.23 -19.08 24.49
C ALA C 63 -14.11 -19.01 23.44
N PRO C 64 -14.41 -18.42 22.28
CA PRO C 64 -13.54 -18.46 21.09
C PRO C 64 -12.46 -17.39 21.15
N LEU C 65 -11.64 -17.43 22.21
CA LEU C 65 -10.79 -16.30 22.56
C LEU C 65 -9.64 -16.06 21.59
N LEU C 66 -9.17 -17.12 20.97
CA LEU C 66 -8.11 -17.08 20.03
C LEU C 66 -8.60 -17.32 18.60
N HIS C 67 -9.89 -17.10 18.36
CA HIS C 67 -10.43 -17.15 17.02
C HIS C 67 -10.13 -15.83 16.36
N PRO C 68 -9.65 -15.88 15.13
CA PRO C 68 -9.48 -14.65 14.37
C PRO C 68 -10.78 -14.28 13.70
N THR C 69 -10.97 -13.00 13.39
CA THR C 69 -12.03 -12.59 12.49
C THR C 69 -11.80 -13.27 11.14
N PHE C 70 -12.92 -13.71 10.55
CA PHE C 70 -12.93 -14.32 9.23
C PHE C 70 -13.49 -13.42 8.13
N ASP C 71 -14.17 -12.35 8.49
CA ASP C 71 -14.75 -11.50 7.48
C ASP C 71 -14.57 -10.05 7.84
N SER C 72 -14.98 -9.18 6.92
CA SER C 72 -15.28 -7.81 7.28
C SER C 72 -16.76 -7.62 7.02
N PRO C 73 -17.52 -7.38 8.10
CA PRO C 73 -18.96 -7.18 7.92
C PRO C 73 -19.16 -5.93 7.07
N ASN C 74 -20.26 -5.86 6.33
CA ASN C 74 -20.65 -4.64 5.63
C ASN C 74 -21.47 -3.73 6.54
N THR C 75 -20.76 -2.80 7.19
CA THR C 75 -21.35 -1.72 7.98
C THR C 75 -21.18 -0.39 7.18
N PRO C 76 -22.29 0.18 6.69
CA PRO C 76 -22.18 1.43 5.90
C PRO C 76 -21.73 2.63 6.72
N GLY C 77 -20.87 3.47 6.14
CA GLY C 77 -20.23 4.56 6.85
C GLY C 77 -18.89 4.21 7.48
N VAL C 78 -18.77 2.97 8.00
CA VAL C 78 -17.56 2.46 8.63
C VAL C 78 -16.69 1.73 7.59
N PRO C 79 -15.42 2.18 7.42
CA PRO C 79 -14.57 1.53 6.39
C PRO C 79 -14.27 0.05 6.73
N ALA C 80 -14.12 -0.78 5.71
CA ALA C 80 -14.05 -2.20 5.94
C ALA C 80 -12.85 -2.55 6.82
N ARG C 81 -13.09 -3.44 7.78
CA ARG C 81 -12.02 -4.03 8.63
C ARG C 81 -11.39 -5.18 7.82
N ALA C 82 -10.07 -5.24 7.69
CA ALA C 82 -9.46 -6.41 7.00
C ALA C 82 -9.58 -7.65 7.91
N PRO C 83 -10.00 -8.80 7.37
CA PRO C 83 -10.06 -10.06 8.16
C PRO C 83 -8.68 -10.46 8.66
N ASP C 84 -8.60 -11.01 9.84
CA ASP C 84 -7.30 -11.41 10.38
C ASP C 84 -6.71 -12.54 9.53
N ILE C 85 -7.54 -13.46 9.09
CA ILE C 85 -7.09 -14.53 8.19
C ILE C 85 -8.08 -14.70 7.04
N VAL C 86 -7.61 -15.24 5.92
CA VAL C 86 -8.33 -15.33 4.66
C VAL C 86 -8.07 -16.71 3.98
N ALA C 87 -9.14 -17.35 3.53
CA ALA C 87 -9.07 -18.62 2.85
C ALA C 87 -8.74 -18.47 1.38
N GLY C 88 -8.10 -19.47 0.79
CA GLY C 88 -8.09 -19.64 -0.66
C GLY C 88 -9.50 -19.82 -1.25
N ARG C 89 -9.63 -19.82 -2.59
CA ARG C 89 -10.94 -20.01 -3.23
C ARG C 89 -11.50 -21.40 -2.89
N ASP C 90 -10.62 -22.38 -2.70
CA ASP C 90 -10.99 -23.75 -2.30
C ASP C 90 -11.58 -23.87 -0.89
N GLY C 91 -11.65 -22.78 -0.14
CA GLY C 91 -12.13 -22.80 1.27
C GLY C 91 -11.08 -23.19 2.34
N LEU C 92 -9.82 -23.36 1.94
CA LEU C 92 -8.77 -23.81 2.86
C LEU C 92 -7.92 -22.63 3.39
N TYR C 93 -7.71 -22.61 4.67
CA TYR C 93 -6.85 -21.61 5.32
C TYR C 93 -5.44 -22.11 5.34
N ALA C 94 -4.58 -21.50 4.55
CA ALA C 94 -3.18 -21.92 4.41
C ALA C 94 -2.27 -21.07 5.34
N PRO C 95 -1.12 -21.62 5.74
CA PRO C 95 -0.17 -20.80 6.51
C PRO C 95 0.22 -19.42 5.90
N ASP C 96 0.70 -18.53 6.77
CA ASP C 96 1.19 -17.21 6.40
C ASP C 96 0.19 -16.35 5.66
N THR C 97 -1.07 -16.55 5.98
CA THR C 97 -2.08 -15.75 5.33
C THR C 97 -2.92 -15.05 6.39
N GLY C 98 -2.25 -14.67 7.48
CA GLY C 98 -2.85 -14.05 8.63
C GLY C 98 -3.09 -15.04 9.75
N GLY C 99 -3.81 -14.62 10.76
CA GLY C 99 -4.07 -15.48 11.92
C GLY C 99 -4.44 -14.64 13.15
N THR C 100 -4.35 -15.23 14.33
CA THR C 100 -4.74 -14.57 15.54
C THR C 100 -3.55 -13.83 16.14
N SER C 101 -3.76 -12.56 16.49
CA SER C 101 -2.73 -11.69 17.06
C SER C 101 -2.58 -11.86 18.54
N VAL C 102 -1.33 -12.11 18.98
CA VAL C 102 -0.99 -11.99 20.38
C VAL C 102 0.33 -11.24 20.54
N PHE C 103 0.66 -10.82 21.76
CA PHE C 103 1.88 -10.06 22.00
C PHE C 103 2.62 -10.65 23.20
N ASP C 104 3.83 -10.17 23.42
CA ASP C 104 4.71 -10.69 24.48
C ASP C 104 4.69 -9.83 25.75
N ARG C 105 3.75 -8.92 25.86
CA ARG C 105 3.48 -8.30 27.15
C ARG C 105 2.02 -7.96 27.23
N ALA C 106 1.58 -7.58 28.44
CA ALA C 106 0.17 -7.29 28.73
C ALA C 106 -0.20 -5.84 28.49
N GLY C 107 -1.48 -5.61 28.21
CA GLY C 107 -1.99 -4.24 28.19
C GLY C 107 -1.58 -3.47 26.94
N VAL C 108 -1.13 -4.18 25.92
CA VAL C 108 -0.71 -3.54 24.67
C VAL C 108 -1.89 -2.77 24.09
N LEU C 109 -3.08 -3.37 24.16
CA LEU C 109 -4.26 -2.70 23.73
C LEU C 109 -4.95 -2.08 24.97
N ARG C 110 -4.77 -0.77 25.12
CA ARG C 110 -5.17 -0.09 26.33
C ARG C 110 -6.66 -0.15 26.57
N ARG C 111 -7.45 -0.16 25.52
CA ARG C 111 -8.88 -0.17 25.69
C ARG C 111 -9.51 -1.55 25.81
N ALA C 112 -8.74 -2.61 26.06
CA ALA C 112 -9.30 -3.95 26.25
C ALA C 112 -9.75 -4.07 27.68
N ASP C 113 -10.50 -5.12 27.99
CA ASP C 113 -10.90 -5.37 29.38
C ASP C 113 -9.86 -6.20 30.12
N GLY C 114 -9.03 -6.89 29.37
CA GLY C 114 -7.90 -7.57 29.96
C GLY C 114 -7.24 -8.47 28.97
N ASP C 115 -6.37 -9.33 29.48
CA ASP C 115 -5.56 -10.20 28.64
C ASP C 115 -5.77 -11.62 29.05
N PHE C 116 -6.04 -12.48 28.08
CA PHE C 116 -6.00 -13.88 28.31
C PHE C 116 -4.56 -14.28 28.12
N VAL C 117 -4.02 -15.09 29.05
CA VAL C 117 -2.57 -15.39 29.12
C VAL C 117 -2.25 -16.78 28.62
N ILE C 118 -1.28 -16.89 27.71
CA ILE C 118 -0.79 -18.15 27.18
C ILE C 118 0.63 -18.33 27.68
N PRO C 119 0.77 -19.18 28.72
CA PRO C 119 2.08 -19.09 29.40
C PRO C 119 3.16 -19.77 28.62
N ASP C 120 4.40 -19.29 28.77
CA ASP C 120 5.53 -20.08 28.28
C ASP C 120 5.25 -21.53 28.64
N GLY C 121 5.54 -22.44 27.73
CA GLY C 121 5.38 -23.88 28.00
C GLY C 121 4.03 -24.48 27.62
N THR C 122 3.11 -23.67 27.10
CA THR C 122 1.82 -24.18 26.68
C THR C 122 1.95 -25.04 25.44
N ASP C 123 1.23 -26.15 25.42
CA ASP C 123 1.21 -27.07 24.27
C ASP C 123 0.47 -26.45 23.09
N ILE C 124 1.12 -26.44 21.95
CA ILE C 124 0.55 -25.99 20.74
C ILE C 124 -0.18 -27.11 19.98
N PRO C 125 -1.49 -26.92 19.73
CA PRO C 125 -2.17 -28.00 19.01
C PRO C 125 -1.44 -28.42 17.74
N PRO C 126 -1.47 -29.72 17.43
CA PRO C 126 -0.62 -30.31 16.41
C PRO C 126 -0.59 -29.66 15.04
N ASP C 127 -1.71 -29.12 14.58
CA ASP C 127 -1.71 -28.51 13.24
C ASP C 127 -1.65 -26.97 13.21
N LEU C 128 -1.26 -26.36 14.33
CA LEU C 128 -1.11 -24.92 14.42
C LEU C 128 0.33 -24.61 14.64
N LYS C 129 0.69 -23.36 14.39
CA LYS C 129 2.01 -22.88 14.75
C LYS C 129 1.90 -21.42 15.10
N VAL C 130 2.93 -20.92 15.76
CA VAL C 130 2.97 -19.57 16.28
C VAL C 130 4.19 -18.92 15.71
N LYS C 131 3.97 -17.86 14.93
CA LYS C 131 5.00 -17.17 14.19
C LYS C 131 5.41 -15.90 14.88
N GLN C 132 6.70 -15.70 15.07
CA GLN C 132 7.22 -14.46 15.60
C GLN C 132 7.27 -13.53 14.44
N ASP C 133 6.61 -12.39 14.55
CA ASP C 133 6.74 -11.34 13.51
C ASP C 133 7.64 -10.26 14.14
N SER C 134 7.46 -9.02 13.77
CA SER C 134 8.42 -8.00 14.15
C SER C 134 8.09 -7.39 15.48
N TYR C 135 9.06 -6.66 16.00
CA TYR C 135 8.87 -5.77 17.11
C TYR C 135 8.17 -4.54 16.59
N ASN C 136 7.08 -4.18 17.21
CA ASN C 136 6.31 -3.02 16.85
C ASN C 136 6.64 -1.87 17.78
N LYS C 137 7.22 -0.80 17.21
CA LYS C 137 7.79 0.31 18.02
C LYS C 137 6.69 1.14 18.63
N ARG C 138 5.61 1.35 17.88
CA ARG C 138 4.51 2.17 18.37
C ARG C 138 3.90 1.51 19.61
N LEU C 139 3.87 0.19 19.62
CA LEU C 139 3.29 -0.56 20.72
C LEU C 139 4.33 -1.09 21.65
N GLN C 140 5.59 -1.00 21.28
CA GLN C 140 6.64 -1.45 22.17
C GLN C 140 6.35 -2.85 22.63
N ALA C 141 6.13 -3.71 21.67
CA ALA C 141 5.89 -5.10 21.97
C ALA C 141 6.09 -5.86 20.72
N THR C 142 6.41 -7.12 20.87
CA THR C 142 6.67 -7.95 19.70
C THR C 142 5.39 -8.67 19.37
N HIS C 143 5.02 -8.64 18.11
CA HIS C 143 3.76 -9.29 17.67
C HIS C 143 4.00 -10.74 17.26
N TYR C 144 3.01 -11.61 17.51
CA TYR C 144 3.07 -13.00 17.12
C TYR C 144 1.74 -13.42 16.50
N THR C 145 1.76 -14.46 15.64
CA THR C 145 0.56 -14.89 14.96
C THR C 145 0.39 -16.39 15.09
N ILE C 146 -0.75 -16.78 15.63
CA ILE C 146 -1.13 -18.16 15.71
C ILE C 146 -1.83 -18.46 14.38
N MET C 147 -1.37 -19.49 13.66
CA MET C 147 -1.80 -19.69 12.31
C MET C 147 -1.85 -21.21 12.01
N PRO C 148 -2.55 -21.61 10.97
CA PRO C 148 -2.49 -23.03 10.60
C PRO C 148 -1.09 -23.46 10.08
N ALA C 149 -0.69 -24.68 10.42
CA ALA C 149 0.60 -25.20 9.97
C ALA C 149 0.44 -25.90 8.62
N LYS C 150 -0.79 -26.17 8.25
CA LYS C 150 -1.10 -26.80 6.95
C LYS C 150 -2.50 -26.34 6.51
N PRO C 151 -2.79 -26.46 5.22
CA PRO C 151 -4.09 -25.98 4.78
C PRO C 151 -5.24 -26.65 5.49
N MET C 152 -6.19 -25.91 6.01
CA MET C 152 -7.32 -26.53 6.69
C MET C 152 -8.60 -25.72 6.55
N TYR C 153 -9.74 -26.40 6.67
CA TYR C 153 -11.04 -25.75 6.66
C TYR C 153 -11.26 -25.05 7.96
N ARG C 154 -12.18 -24.09 7.95
CA ARG C 154 -12.45 -23.25 9.09
C ARG C 154 -12.73 -24.01 10.37
N GLU C 155 -13.58 -25.02 10.27
CA GLU C 155 -14.04 -25.78 11.45
C GLU C 155 -12.86 -26.44 12.17
N VAL C 156 -11.94 -27.02 11.41
CA VAL C 156 -10.78 -27.65 11.96
C VAL C 156 -9.90 -26.63 12.71
N LEU C 157 -9.73 -25.47 12.11
CA LEU C 157 -8.93 -24.38 12.68
C LEU C 157 -9.53 -23.88 13.97
N MET C 158 -10.83 -23.58 13.94
CA MET C 158 -11.55 -23.18 15.14
C MET C 158 -11.36 -24.24 16.23
N GLY C 159 -11.47 -25.51 15.83
CA GLY C 159 -11.35 -26.61 16.81
C GLY C 159 -10.00 -26.56 17.51
N GLN C 160 -8.95 -26.36 16.71
CA GLN C 160 -7.61 -26.36 17.27
C GLN C 160 -7.42 -25.16 18.15
N LEU C 161 -8.02 -24.03 17.77
CA LEU C 161 -7.86 -22.83 18.59
C LEU C 161 -8.58 -22.99 19.96
N ASP C 162 -9.72 -23.66 19.96
CA ASP C 162 -10.36 -24.06 21.24
C ASP C 162 -9.44 -24.94 22.12
N ASN C 163 -8.84 -25.97 21.54
CA ASN C 163 -7.87 -26.74 22.30
C ASN C 163 -6.69 -25.95 22.76
N PHE C 164 -6.29 -24.92 22.01
CA PHE C 164 -5.20 -24.07 22.43
C PHE C 164 -5.58 -23.28 23.68
N VAL C 165 -6.80 -22.79 23.74
CA VAL C 165 -7.29 -22.12 24.95
C VAL C 165 -7.22 -23.06 26.15
N ARG C 166 -7.69 -24.29 25.96
CA ARG C 166 -7.73 -25.27 27.04
C ARG C 166 -6.33 -25.63 27.49
N ASN C 167 -5.39 -25.78 26.55
CA ASN C 167 -3.99 -26.08 26.91
C ASN C 167 -3.43 -24.97 27.75
N ALA C 168 -3.82 -23.74 27.43
CA ALA C 168 -3.27 -22.57 28.12
C ALA C 168 -3.72 -22.50 29.57
N ILE C 169 -4.98 -22.86 29.78
CA ILE C 169 -5.56 -22.91 31.13
C ILE C 169 -4.91 -24.03 31.99
N ARG C 170 -4.89 -25.26 31.49
CA ARG C 170 -4.07 -26.33 32.10
C ARG C 170 -2.68 -25.83 32.48
N ARG C 171 -1.99 -25.22 31.53
CA ARG C 171 -0.64 -24.74 31.75
C ARG C 171 -0.57 -23.61 32.77
N GLN C 172 -1.61 -22.78 32.89
CA GLN C 172 -1.65 -21.78 33.99
C GLN C 172 -1.61 -22.45 35.39
N TRP C 173 -2.35 -23.56 35.56
CA TRP C 173 -2.42 -24.25 36.84
C TRP C 173 -1.15 -25.07 37.12
N GLU C 174 -0.56 -25.68 36.09
CA GLU C 174 0.74 -26.36 36.26
C GLU C 174 1.83 -25.41 36.71
N LYS C 175 1.78 -24.20 36.18
CA LYS C 175 2.78 -23.20 36.46
C LYS C 175 2.59 -22.72 37.91
N ALA C 176 1.32 -22.60 38.31
CA ALA C 176 0.96 -22.18 39.66
C ALA C 176 1.40 -23.21 40.71
N ARG C 177 1.27 -24.51 40.40
CA ARG C 177 1.80 -25.59 41.25
C ARG C 177 3.32 -25.87 41.03
N GLY C 178 4.06 -24.93 40.41
CA GLY C 178 5.51 -25.07 40.19
C GLY C 178 5.91 -26.04 39.09
N SER D 23 -3.74 -0.54 -23.62
CA SER D 23 -3.52 -0.50 -25.08
C SER D 23 -2.32 0.42 -25.39
N TYR D 24 -1.33 -0.11 -26.12
CA TYR D 24 -0.09 0.62 -26.38
C TYR D 24 -0.13 1.20 -27.81
N ASP D 25 0.51 2.34 -28.04
CA ASP D 25 0.80 2.82 -29.40
C ASP D 25 2.31 2.71 -29.68
N TYR D 26 2.65 2.29 -30.90
CA TYR D 26 4.02 1.99 -31.25
C TYR D 26 4.62 2.86 -32.40
N GLU D 27 3.80 3.38 -33.32
CA GLU D 27 4.36 4.13 -34.49
C GLU D 27 4.01 5.60 -34.50
N LYS D 28 2.71 5.87 -34.40
CA LYS D 28 2.15 7.23 -34.40
C LYS D 28 1.11 7.28 -33.28
N THR D 29 1.04 8.40 -32.59
CA THR D 29 0.00 8.60 -31.60
C THR D 29 -1.36 8.78 -32.26
N SER D 30 -2.41 8.29 -31.61
CA SER D 30 -3.73 8.25 -32.20
C SER D 30 -4.62 9.28 -31.57
N LEU D 31 -4.06 10.11 -30.71
CA LEU D 31 -4.84 10.97 -29.86
C LEU D 31 -3.93 12.12 -29.51
N THR D 32 -4.49 13.30 -29.28
CA THR D 32 -3.70 14.42 -28.74
C THR D 32 -3.52 14.23 -27.22
N LEU D 33 -2.26 14.35 -26.78
CA LEU D 33 -1.86 14.17 -25.38
C LEU D 33 -1.13 15.43 -24.93
N TYR D 34 -1.29 15.76 -23.65
CA TYR D 34 -0.82 16.98 -23.05
C TYR D 34 0.07 16.72 -21.81
N ARG D 35 1.23 17.36 -21.76
CA ARG D 35 2.19 17.17 -20.71
C ARG D 35 2.23 18.43 -19.89
N ALA D 36 1.96 18.34 -18.60
CA ALA D 36 2.02 19.50 -17.74
C ALA D 36 3.47 19.98 -17.62
N VAL D 37 3.65 21.30 -17.65
CA VAL D 37 4.95 21.96 -17.60
C VAL D 37 4.98 22.85 -16.39
N PHE D 38 5.86 22.52 -15.48
CA PHE D 38 6.12 23.32 -14.31
C PHE D 38 7.42 24.03 -14.55
N LYS D 39 7.37 25.33 -14.84
CA LYS D 39 8.57 26.07 -15.27
C LYS D 39 9.66 26.00 -14.20
N ALA D 40 9.27 25.82 -12.94
CA ALA D 40 10.21 25.63 -11.81
C ALA D 40 11.10 24.41 -11.93
N ASN D 41 10.65 23.39 -12.65
CA ASN D 41 11.42 22.15 -12.81
C ASN D 41 12.59 22.26 -13.82
N TYR D 42 12.68 23.36 -14.56
CA TYR D 42 13.67 23.51 -15.62
C TYR D 42 14.71 24.60 -15.28
N ASP D 43 15.90 24.47 -15.85
CA ASP D 43 16.89 25.54 -15.75
C ASP D 43 16.61 26.61 -16.81
N GLY D 44 16.52 26.22 -18.07
CA GLY D 44 16.15 27.18 -19.10
C GLY D 44 14.78 27.83 -18.89
N ASP D 45 14.46 28.81 -19.73
CA ASP D 45 13.07 29.25 -19.86
C ASP D 45 12.38 28.37 -20.91
N VAL D 46 11.27 27.77 -20.51
CA VAL D 46 10.56 26.79 -21.33
C VAL D 46 9.24 27.32 -21.91
N GLY D 47 8.92 28.58 -21.60
CA GLY D 47 7.75 29.24 -22.20
C GLY D 47 7.71 29.16 -23.71
N ARG D 48 8.90 29.10 -24.34
CA ARG D 48 8.99 28.97 -25.80
C ARG D 48 8.24 27.73 -26.29
N TYR D 49 8.27 26.67 -25.48
CA TYR D 49 7.71 25.37 -25.90
C TYR D 49 6.19 25.24 -25.81
N LEU D 50 5.52 26.18 -25.14
CA LEU D 50 4.07 26.15 -25.05
C LEU D 50 3.41 26.39 -26.38
N HIS D 51 3.99 27.31 -27.15
CA HIS D 51 3.57 27.55 -28.53
C HIS D 51 4.80 27.75 -29.40
N PRO D 52 5.36 26.63 -29.90
CA PRO D 52 6.64 26.52 -30.59
C PRO D 52 6.61 26.56 -32.14
N ASP D 53 7.52 27.35 -32.74
CA ASP D 53 7.77 27.30 -34.20
C ASP D 53 8.84 26.22 -34.37
N LYS D 54 9.07 25.72 -35.59
CA LYS D 54 10.02 24.60 -35.85
C LYS D 54 11.37 24.73 -35.10
N GLU D 55 11.66 23.74 -34.25
CA GLU D 55 12.64 23.88 -33.17
C GLU D 55 13.42 22.59 -32.79
N LEU D 56 13.79 21.79 -33.78
CA LEU D 56 14.93 20.89 -33.63
C LEU D 56 16.31 21.62 -33.72
N ALA D 57 16.97 21.83 -32.56
CA ALA D 57 18.23 22.60 -32.37
C ALA D 57 19.43 21.76 -31.83
N GLU D 61 20.32 20.89 -28.98
CA GLU D 61 19.82 21.01 -27.58
C GLU D 61 18.33 21.38 -27.39
N VAL D 62 17.61 20.59 -26.59
CA VAL D 62 16.17 20.80 -26.29
C VAL D 62 15.84 20.55 -24.82
N ALA D 63 14.89 21.31 -24.28
CA ALA D 63 14.49 21.14 -22.88
C ALA D 63 13.87 19.75 -22.66
N PRO D 64 14.14 19.14 -21.51
CA PRO D 64 13.76 17.77 -21.19
C PRO D 64 12.29 17.64 -20.74
N LEU D 65 11.39 18.07 -21.62
CA LEU D 65 9.98 18.23 -21.26
C LEU D 65 9.20 16.91 -20.99
N LEU D 66 9.60 15.85 -21.65
CA LEU D 66 9.01 14.54 -21.48
C LEU D 66 9.94 13.58 -20.72
N HIS D 67 10.91 14.12 -20.00
CA HIS D 67 11.75 13.32 -19.15
C HIS D 67 10.96 13.04 -17.89
N PRO D 68 11.01 11.81 -17.43
CA PRO D 68 10.44 11.52 -16.12
C PRO D 68 11.45 11.81 -15.07
N THR D 69 10.99 12.07 -13.85
CA THR D 69 11.89 12.08 -12.69
C THR D 69 12.51 10.68 -12.51
N PHE D 70 13.79 10.67 -12.20
CA PHE D 70 14.54 9.46 -12.01
C PHE D 70 14.90 9.22 -10.56
N ASP D 71 14.84 10.24 -9.74
CA ASP D 71 15.18 10.06 -8.35
C ASP D 71 14.19 10.81 -7.48
N SER D 72 14.31 10.67 -6.17
CA SER D 72 13.64 11.58 -5.26
C SER D 72 14.73 12.34 -4.55
N PRO D 73 14.74 13.69 -4.71
CA PRO D 73 15.83 14.46 -4.12
C PRO D 73 15.74 14.29 -2.62
N ASN D 74 16.87 14.32 -1.93
CA ASN D 74 16.90 14.19 -0.47
C ASN D 74 16.87 15.59 0.14
N THR D 75 15.65 16.09 0.31
CA THR D 75 15.37 17.34 1.03
C THR D 75 14.82 16.98 2.43
N PRO D 76 15.58 17.30 3.49
CA PRO D 76 15.15 16.91 4.85
C PRO D 76 13.87 17.60 5.35
N GLY D 77 13.02 16.83 6.05
CA GLY D 77 11.70 17.29 6.48
C GLY D 77 10.56 16.93 5.52
N VAL D 78 10.81 17.03 4.22
CA VAL D 78 9.81 16.78 3.15
C VAL D 78 9.81 15.29 2.77
N PRO D 79 8.64 14.62 2.84
CA PRO D 79 8.63 13.18 2.54
C PRO D 79 9.01 12.88 1.06
N ALA D 80 9.66 11.75 0.85
CA ALA D 80 10.23 11.48 -0.43
C ALA D 80 9.17 11.43 -1.53
N ARG D 81 9.51 12.05 -2.67
CA ARG D 81 8.69 11.99 -3.87
C ARG D 81 9.06 10.69 -4.62
N ALA D 82 8.09 9.87 -4.98
CA ALA D 82 8.44 8.62 -5.70
C ALA D 82 8.92 8.95 -7.11
N PRO D 83 9.96 8.25 -7.61
CA PRO D 83 10.42 8.47 -9.00
C PRO D 83 9.40 8.00 -10.01
N ASP D 84 9.22 8.71 -11.12
CA ASP D 84 8.23 8.29 -12.12
C ASP D 84 8.60 6.93 -12.74
N ILE D 85 9.88 6.72 -12.96
CA ILE D 85 10.38 5.45 -13.49
C ILE D 85 11.62 5.02 -12.69
N VAL D 86 11.89 3.72 -12.67
CA VAL D 86 12.94 3.11 -11.84
C VAL D 86 13.72 2.00 -12.60
N ALA D 87 15.04 2.05 -12.53
CA ALA D 87 15.90 1.06 -13.21
C ALA D 87 16.13 -0.16 -12.37
N GLY D 88 16.39 -1.29 -13.03
CA GLY D 88 16.93 -2.48 -12.40
C GLY D 88 18.31 -2.27 -11.83
N ARG D 89 18.83 -3.28 -11.16
CA ARG D 89 20.22 -3.27 -10.63
C ARG D 89 21.25 -2.99 -11.69
N ASP D 90 21.03 -3.62 -12.83
CA ASP D 90 21.88 -3.48 -14.00
C ASP D 90 21.92 -2.06 -14.61
N GLY D 91 21.11 -1.13 -14.09
CA GLY D 91 20.98 0.18 -14.69
C GLY D 91 20.04 0.28 -15.89
N LEU D 92 19.27 -0.78 -16.19
CA LEU D 92 18.36 -0.76 -17.35
C LEU D 92 16.92 -0.41 -16.96
N TYR D 93 16.31 0.48 -17.74
CA TYR D 93 14.92 0.82 -17.60
C TYR D 93 14.08 -0.07 -18.48
N ALA D 94 13.31 -0.95 -17.86
CA ALA D 94 12.45 -1.87 -18.60
C ALA D 94 11.01 -1.35 -18.79
N PRO D 95 10.27 -1.88 -19.76
CA PRO D 95 8.88 -1.43 -19.95
C PRO D 95 7.99 -1.69 -18.74
N ASP D 96 6.86 -0.97 -18.68
CA ASP D 96 5.85 -1.16 -17.64
C ASP D 96 6.39 -1.04 -16.24
N THR D 97 7.35 -0.14 -16.03
CA THR D 97 7.90 0.18 -14.70
C THR D 97 7.84 1.68 -14.44
N GLY D 98 6.78 2.30 -14.97
CA GLY D 98 6.60 3.76 -14.89
C GLY D 98 7.03 4.46 -16.18
N GLY D 99 7.10 5.76 -16.13
CA GLY D 99 7.39 6.54 -17.29
C GLY D 99 6.87 7.97 -17.14
N THR D 100 6.70 8.65 -18.27
CA THR D 100 6.33 10.05 -18.26
C THR D 100 4.84 10.16 -18.41
N SER D 101 4.20 10.90 -17.49
CA SER D 101 2.77 11.09 -17.46
C SER D 101 2.28 12.17 -18.41
N VAL D 102 1.29 11.80 -19.24
CA VAL D 102 0.54 12.75 -19.99
C VAL D 102 -0.92 12.39 -19.94
N PHE D 103 -1.78 13.33 -20.35
CA PHE D 103 -3.22 13.17 -20.25
C PHE D 103 -3.84 13.55 -21.58
N ASP D 104 -5.14 13.23 -21.71
CA ASP D 104 -5.85 13.42 -22.96
C ASP D 104 -6.70 14.71 -22.96
N ARG D 105 -6.51 15.59 -21.97
CA ARG D 105 -7.01 16.94 -22.10
C ARG D 105 -6.02 17.90 -21.42
N ALA D 106 -6.23 19.20 -21.61
CA ALA D 106 -5.36 20.26 -21.09
C ALA D 106 -5.77 20.72 -19.73
N GLY D 107 -4.80 21.22 -18.96
CA GLY D 107 -5.14 21.90 -17.75
C GLY D 107 -5.53 20.97 -16.64
N VAL D 108 -5.16 19.71 -16.79
CA VAL D 108 -5.45 18.73 -15.73
C VAL D 108 -4.79 19.16 -14.43
N LEU D 109 -3.54 19.60 -14.50
CA LEU D 109 -2.81 20.04 -13.33
C LEU D 109 -2.93 21.57 -13.24
N ARG D 110 -3.79 22.02 -12.35
CA ARG D 110 -4.14 23.45 -12.30
C ARG D 110 -2.98 24.36 -11.91
N ARG D 111 -2.04 23.84 -11.12
CA ARG D 111 -0.89 24.63 -10.72
C ARG D 111 0.26 24.63 -11.71
N ALA D 112 0.07 24.09 -12.91
CA ALA D 112 1.16 24.09 -13.91
C ALA D 112 1.15 25.43 -14.59
N ASP D 113 2.21 25.73 -15.33
CA ASP D 113 2.28 26.99 -16.09
C ASP D 113 1.72 26.82 -17.51
N GLY D 114 1.59 25.57 -17.95
CA GLY D 114 0.87 25.28 -19.17
C GLY D 114 1.08 23.84 -19.61
N ASP D 115 0.69 23.55 -20.85
CA ASP D 115 0.74 22.21 -21.38
C ASP D 115 1.53 22.19 -22.65
N PHE D 116 2.51 21.28 -22.72
CA PHE D 116 3.19 21.01 -23.96
C PHE D 116 2.36 19.98 -24.68
N VAL D 117 2.12 20.16 -25.97
CA VAL D 117 1.10 19.39 -26.70
C VAL D 117 1.76 18.39 -27.60
N ILE D 118 1.30 17.15 -27.55
CA ILE D 118 1.71 16.08 -28.45
C ILE D 118 0.51 15.74 -29.31
N PRO D 119 0.52 16.24 -30.57
CA PRO D 119 -0.71 16.11 -31.32
C PRO D 119 -0.98 14.71 -31.80
N ASP D 120 -2.25 14.34 -31.92
CA ASP D 120 -2.60 13.11 -32.65
C ASP D 120 -1.72 13.09 -33.87
N GLY D 121 -1.15 11.94 -34.19
CA GLY D 121 -0.33 11.81 -35.39
C GLY D 121 1.16 12.02 -35.24
N THR D 122 1.63 12.31 -34.03
CA THR D 122 3.05 12.49 -33.79
C THR D 122 3.77 11.17 -33.94
N ASP D 123 4.94 11.21 -34.57
CA ASP D 123 5.80 10.03 -34.72
C ASP D 123 6.40 9.64 -33.36
N ILE D 124 6.25 8.38 -32.99
CA ILE D 124 6.83 7.84 -31.77
C ILE D 124 8.28 7.30 -31.97
N PRO D 125 9.27 7.83 -31.23
CA PRO D 125 10.59 7.29 -31.43
C PRO D 125 10.64 5.78 -31.32
N PRO D 126 11.47 5.14 -32.17
CA PRO D 126 11.36 3.70 -32.45
C PRO D 126 11.35 2.79 -31.22
N ASP D 127 12.08 3.15 -30.17
CA ASP D 127 12.17 2.27 -28.99
C ASP D 127 11.34 2.72 -27.79
N LEU D 128 10.38 3.60 -28.02
CA LEU D 128 9.45 4.03 -27.02
C LEU D 128 8.07 3.54 -27.37
N LYS D 129 7.20 3.49 -26.39
CA LYS D 129 5.78 3.30 -26.64
C LYS D 129 4.97 4.12 -25.63
N VAL D 130 3.68 4.27 -25.94
CA VAL D 130 2.76 5.08 -25.17
C VAL D 130 1.58 4.22 -24.77
N LYS D 131 1.39 4.07 -23.46
CA LYS D 131 0.41 3.17 -22.90
C LYS D 131 -0.79 3.89 -22.36
N GLN D 132 -1.97 3.45 -22.75
CA GLN D 132 -3.20 3.97 -22.16
C GLN D 132 -3.39 3.29 -20.84
N ASP D 133 -3.49 4.06 -19.76
CA ASP D 133 -3.81 3.52 -18.44
C ASP D 133 -5.29 3.85 -18.16
N SER D 134 -5.66 4.01 -16.90
CA SER D 134 -7.06 4.22 -16.55
C SER D 134 -7.54 5.66 -16.59
N TYR D 135 -8.87 5.83 -16.56
CA TYR D 135 -9.52 7.09 -16.38
C TYR D 135 -9.40 7.46 -14.95
N ASN D 136 -8.93 8.66 -14.69
CA ASN D 136 -8.78 9.14 -13.31
C ASN D 136 -9.94 10.05 -12.96
N LYS D 137 -10.74 9.61 -11.99
CA LYS D 137 -11.98 10.30 -11.58
C LYS D 137 -11.74 11.60 -10.84
N ARG D 138 -10.71 11.63 -10.00
CA ARG D 138 -10.37 12.86 -9.27
C ARG D 138 -9.99 13.99 -10.26
N LEU D 139 -9.29 13.64 -11.33
CA LEU D 139 -8.84 14.59 -12.35
C LEU D 139 -9.72 14.60 -13.61
N GLN D 140 -10.63 13.65 -13.74
CA GLN D 140 -11.53 13.64 -14.88
C GLN D 140 -10.76 13.71 -16.19
N ALA D 141 -9.84 12.78 -16.33
CA ALA D 141 -9.00 12.67 -17.54
C ALA D 141 -8.37 11.33 -17.55
N THR D 142 -7.98 10.88 -18.72
CA THR D 142 -7.41 9.57 -18.84
C THR D 142 -5.91 9.74 -18.87
N HIS D 143 -5.22 8.96 -18.06
CA HIS D 143 -3.77 9.01 -17.97
C HIS D 143 -3.11 8.11 -19.00
N TYR D 144 -1.96 8.54 -19.50
CA TYR D 144 -1.16 7.77 -20.41
C TYR D 144 0.30 7.80 -19.97
N THR D 145 1.07 6.77 -20.35
CA THR D 145 2.46 6.72 -19.99
C THR D 145 3.33 6.51 -21.19
N ILE D 146 4.28 7.40 -21.40
CA ILE D 146 5.37 7.20 -22.39
C ILE D 146 6.47 6.44 -21.71
N MET D 147 6.95 5.38 -22.34
CA MET D 147 7.70 4.35 -21.67
C MET D 147 8.72 3.74 -22.62
N PRO D 148 9.80 3.14 -22.09
CA PRO D 148 10.61 2.34 -23.01
C PRO D 148 9.90 1.09 -23.56
N ALA D 149 10.16 0.76 -24.82
CA ALA D 149 9.57 -0.44 -25.42
C ALA D 149 10.50 -1.63 -25.19
N LYS D 150 11.73 -1.36 -24.79
CA LYS D 150 12.70 -2.41 -24.50
C LYS D 150 13.67 -1.89 -23.44
N PRO D 151 14.40 -2.78 -22.79
CA PRO D 151 15.26 -2.32 -21.73
C PRO D 151 16.27 -1.37 -22.25
N MET D 152 16.50 -0.24 -21.57
CA MET D 152 17.53 0.69 -22.01
C MET D 152 18.12 1.49 -20.89
N TYR D 153 19.35 1.94 -21.08
CA TYR D 153 20.02 2.83 -20.12
C TYR D 153 19.44 4.24 -20.21
N ARG D 154 19.66 5.01 -19.16
CA ARG D 154 19.09 6.34 -19.03
C ARG D 154 19.35 7.27 -20.20
N GLU D 155 20.58 7.32 -20.66
CA GLU D 155 20.97 8.22 -21.77
C GLU D 155 20.17 7.93 -23.04
N VAL D 156 19.98 6.67 -23.37
CA VAL D 156 19.27 6.29 -24.57
C VAL D 156 17.81 6.73 -24.47
N LEU D 157 17.22 6.50 -23.28
CA LEU D 157 15.82 6.90 -22.99
C LEU D 157 15.64 8.40 -23.09
N MET D 158 16.54 9.16 -22.44
CA MET D 158 16.52 10.61 -22.49
C MET D 158 16.64 11.08 -23.94
N GLY D 159 17.53 10.44 -24.70
CA GLY D 159 17.69 10.75 -26.11
C GLY D 159 16.42 10.58 -26.89
N GLN D 160 15.73 9.48 -26.66
CA GLN D 160 14.50 9.22 -27.41
C GLN D 160 13.41 10.19 -26.99
N LEU D 161 13.37 10.55 -25.71
CA LEU D 161 12.36 11.49 -25.24
C LEU D 161 12.60 12.89 -25.86
N ASP D 162 13.87 13.25 -26.02
CA ASP D 162 14.23 14.47 -26.77
C ASP D 162 13.75 14.43 -28.23
N ASN D 163 13.98 13.32 -28.91
CA ASN D 163 13.42 13.19 -30.25
C ASN D 163 11.90 13.21 -30.27
N PHE D 164 11.26 12.72 -29.21
CA PHE D 164 9.81 12.77 -29.13
C PHE D 164 9.29 14.22 -29.03
N VAL D 165 9.99 15.06 -28.27
CA VAL D 165 9.67 16.45 -28.22
C VAL D 165 9.77 17.07 -29.62
N ARG D 166 10.88 16.79 -30.32
CA ARG D 166 11.12 17.33 -31.63
C ARG D 166 10.06 16.86 -32.59
N ASN D 167 9.68 15.59 -32.53
CA ASN D 167 8.61 15.08 -33.43
C ASN D 167 7.28 15.78 -33.20
N ALA D 168 7.00 16.10 -31.94
CA ALA D 168 5.76 16.72 -31.56
C ALA D 168 5.67 18.14 -32.12
N ILE D 169 6.79 18.84 -32.09
CA ILE D 169 6.88 20.19 -32.63
C ILE D 169 6.69 20.21 -34.16
N ARG D 170 7.46 19.41 -34.87
CA ARG D 170 7.24 19.17 -36.28
C ARG D 170 5.76 18.93 -36.56
N ARG D 171 5.15 18.03 -35.80
CA ARG D 171 3.75 17.67 -36.02
C ARG D 171 2.81 18.82 -35.70
N GLN D 172 3.19 19.70 -34.77
CA GLN D 172 2.40 20.91 -34.53
C GLN D 172 2.35 21.82 -35.77
N TRP D 173 3.46 21.94 -36.49
CA TRP D 173 3.50 22.74 -37.71
C TRP D 173 2.77 22.07 -38.87
N GLU D 174 2.89 20.76 -39.01
CA GLU D 174 2.14 20.05 -40.06
C GLU D 174 0.62 20.19 -39.87
N LYS D 175 0.20 20.21 -38.61
CA LYS D 175 -1.21 20.32 -38.26
C LYS D 175 -1.67 21.72 -38.59
N ALA D 176 -0.81 22.70 -38.31
CA ALA D 176 -1.12 24.10 -38.55
C ALA D 176 -1.28 24.40 -40.05
N ARG D 177 -0.42 23.83 -40.89
CA ARG D 177 -0.52 24.03 -42.32
C ARG D 177 -1.59 23.09 -42.97
N GLY D 178 -2.48 22.50 -42.14
CA GLY D 178 -3.67 21.78 -42.64
C GLY D 178 -3.45 20.37 -43.18
#